data_6VE9
#
_entry.id   6VE9
#
_entity_poly.entity_id   1
_entity_poly.type   'polypeptide(L)'
_entity_poly.pdbx_seq_one_letter_code
;(ABA)(DBU)PACF(DBU)IGLGVGALF(DAL)AKFC
;
_entity_poly.pdbx_strand_id   A
#
# COMPACT_ATOMS: atom_id res chain seq x y z
N PRO A 3 7.55 -6.05 4.94
CA PRO A 3 7.45 -6.11 3.45
C PRO A 3 6.54 -7.23 2.97
N ALA A 4 6.42 -8.28 3.78
CA ALA A 4 5.58 -9.41 3.43
C ALA A 4 4.11 -9.00 3.52
N CYS A 5 3.85 -7.93 4.26
CA CYS A 5 2.49 -7.43 4.43
C CYS A 5 2.27 -6.19 3.58
N PHE A 6 2.96 -6.13 2.43
CA PHE A 6 2.82 -4.98 1.55
C PHE A 6 1.37 -4.82 1.11
N ILE A 8 -1.13 -6.96 -1.84
CA ILE A 8 -1.27 -7.05 -3.28
C ILE A 8 -2.31 -6.06 -3.81
N GLY A 9 -3.44 -5.97 -3.12
CA GLY A 9 -4.50 -5.06 -3.53
C GLY A 9 -4.49 -3.80 -2.67
N LEU A 10 -4.88 -3.94 -1.41
CA LEU A 10 -4.90 -2.81 -0.49
C LEU A 10 -3.50 -2.26 -0.28
N GLY A 11 -2.53 -3.16 -0.18
CA GLY A 11 -1.15 -2.76 0.02
C GLY A 11 -0.84 -1.45 -0.69
N VAL A 12 -1.42 -1.26 -1.87
CA VAL A 12 -1.19 -0.05 -2.64
C VAL A 12 -1.70 1.16 -1.86
N GLY A 13 -2.86 1.03 -1.23
CA GLY A 13 -3.43 2.13 -0.45
C GLY A 13 -2.54 2.44 0.76
N ALA A 14 -2.13 1.40 1.47
CA ALA A 14 -1.27 1.58 2.64
C ALA A 14 0.11 2.08 2.21
N LEU A 15 0.61 1.52 1.10
CA LEU A 15 1.91 1.90 0.57
C LEU A 15 1.79 3.11 -0.35
N PHE A 16 1.15 2.92 -1.49
CA PHE A 16 0.97 3.98 -2.46
C PHE A 16 -0.08 4.99 -1.99
N ALA A 18 -0.45 5.81 1.00
CA ALA A 18 0.14 6.52 2.14
C ALA A 18 0.68 7.90 1.76
N LYS A 19 1.33 8.02 0.60
CA LYS A 19 1.86 9.31 0.17
C LYS A 19 0.98 9.90 -0.91
N PHE A 20 0.44 9.00 -1.73
CA PHE A 20 -0.43 9.37 -2.83
C PHE A 20 -1.88 9.17 -2.40
N CYS A 21 -2.79 9.49 -3.30
CA CYS A 21 -4.22 9.34 -3.03
C CYS A 21 -4.60 10.06 -1.74
N PRO A 3 7.16 -7.46 3.36
CA PRO A 3 6.55 -7.64 2.01
C PRO A 3 5.12 -8.19 2.08
N ALA A 4 4.80 -8.88 3.16
CA ALA A 4 3.46 -9.45 3.32
C ALA A 4 2.54 -8.44 3.98
N CYS A 5 3.12 -7.55 4.78
CA CYS A 5 2.33 -6.52 5.46
C CYS A 5 1.92 -5.43 4.49
N PHE A 6 2.77 -5.19 3.49
CA PHE A 6 2.48 -4.16 2.50
C PHE A 6 1.15 -4.42 1.81
N ILE A 8 -0.15 -6.80 -1.55
CA ILE A 8 -0.04 -6.70 -3.01
C ILE A 8 -1.26 -6.00 -3.61
N GLY A 9 -2.45 -6.38 -3.14
CA GLY A 9 -3.69 -5.79 -3.65
C GLY A 9 -3.92 -4.40 -3.07
N LEU A 10 -4.80 -4.31 -2.08
CA LEU A 10 -5.10 -3.04 -1.45
C LEU A 10 -3.85 -2.47 -0.79
N GLY A 11 -3.02 -3.37 -0.29
CA GLY A 11 -1.79 -2.96 0.38
C GLY A 11 -1.16 -1.73 -0.28
N VAL A 12 -1.47 -1.53 -1.55
CA VAL A 12 -0.94 -0.39 -2.28
C VAL A 12 -1.40 0.92 -1.65
N GLY A 13 -2.66 0.96 -1.24
CA GLY A 13 -3.20 2.16 -0.62
C GLY A 13 -2.35 2.56 0.58
N ALA A 14 -1.97 1.59 1.39
CA ALA A 14 -1.14 1.87 2.54
C ALA A 14 0.26 2.26 2.09
N LEU A 15 0.72 1.59 1.04
CA LEU A 15 2.04 1.83 0.49
C LEU A 15 2.08 3.16 -0.26
N PHE A 16 1.39 3.21 -1.39
CA PHE A 16 1.36 4.41 -2.20
C PHE A 16 0.16 5.29 -1.87
N ALA A 18 -0.96 5.85 1.00
CA ALA A 18 -0.67 6.57 2.24
C ALA A 18 -0.07 7.97 1.99
N LYS A 19 0.83 8.10 1.02
CA LYS A 19 1.44 9.39 0.73
C LYS A 19 0.76 10.00 -0.48
N PHE A 20 0.30 9.13 -1.35
CA PHE A 20 -0.39 9.54 -2.55
C PHE A 20 -1.86 9.21 -2.40
N CYS A 21 -2.66 9.61 -3.38
CA CYS A 21 -4.09 9.35 -3.34
C CYS A 21 -4.69 9.82 -2.02
N PRO A 3 6.94 -7.95 3.35
CA PRO A 3 6.20 -8.07 2.06
C PRO A 3 4.73 -8.46 2.27
N ALA A 4 4.48 -9.31 3.26
CA ALA A 4 3.12 -9.75 3.54
C ALA A 4 2.31 -8.61 4.14
N CYS A 5 2.98 -7.71 4.85
CA CYS A 5 2.32 -6.57 5.47
C CYS A 5 2.10 -5.47 4.44
N PHE A 6 2.99 -5.39 3.46
CA PHE A 6 2.87 -4.37 2.44
C PHE A 6 1.53 -4.46 1.73
N ILE A 8 -0.19 -6.86 -1.53
CA ILE A 8 -0.05 -6.94 -2.98
C ILE A 8 -1.05 -6.03 -3.69
N GLY A 9 -2.30 -6.04 -3.23
CA GLY A 9 -3.34 -5.21 -3.83
C GLY A 9 -3.61 -3.96 -3.00
N LEU A 10 -4.21 -4.17 -1.82
CA LEU A 10 -4.51 -3.07 -0.93
C LEU A 10 -3.24 -2.37 -0.48
N GLY A 11 -2.18 -3.15 -0.34
CA GLY A 11 -0.90 -2.61 0.10
C GLY A 11 -0.60 -1.28 -0.57
N VAL A 12 -1.05 -1.14 -1.81
CA VAL A 12 -0.82 0.09 -2.55
C VAL A 12 -1.47 1.26 -1.83
N GLY A 13 -2.65 1.03 -1.27
CA GLY A 13 -3.35 2.08 -0.54
C GLY A 13 -2.59 2.46 0.73
N ALA A 14 -2.17 1.45 1.49
CA ALA A 14 -1.42 1.70 2.72
C ALA A 14 -0.06 2.27 2.38
N LEU A 15 0.53 1.74 1.32
CA LEU A 15 1.84 2.18 0.87
C LEU A 15 1.74 3.40 -0.03
N PHE A 16 1.20 3.18 -1.23
CA PHE A 16 1.05 4.26 -2.20
C PHE A 16 -0.11 5.19 -1.83
N ALA A 18 -0.75 6.10 1.03
CA ALA A 18 -0.28 6.89 2.16
C ALA A 18 0.16 8.29 1.76
N LYS A 19 0.88 8.42 0.65
CA LYS A 19 1.34 9.73 0.20
C LYS A 19 0.47 10.20 -0.95
N PHE A 20 0.07 9.24 -1.75
CA PHE A 20 -0.77 9.48 -2.91
C PHE A 20 -2.21 9.17 -2.55
N CYS A 21 -3.10 9.40 -3.51
CA CYS A 21 -4.52 9.14 -3.31
C CYS A 21 -5.03 9.85 -2.04
N PRO A 3 6.54 -9.56 4.13
CA PRO A 3 6.01 -9.68 2.74
C PRO A 3 4.49 -9.84 2.72
N ALA A 4 3.92 -10.26 3.84
CA ALA A 4 2.47 -10.45 3.93
C ALA A 4 1.77 -9.13 4.25
N CYS A 5 2.47 -8.24 4.95
CA CYS A 5 1.91 -6.95 5.30
C CYS A 5 1.87 -6.03 4.10
N PHE A 6 2.87 -6.16 3.23
CA PHE A 6 2.93 -5.32 2.03
C PHE A 6 1.70 -5.53 1.17
N ILE A 8 -0.30 -7.04 -2.20
CA ILE A 8 -0.26 -6.52 -3.55
C ILE A 8 -1.08 -5.24 -3.68
N GLY A 9 -2.26 -5.24 -3.06
CA GLY A 9 -3.14 -4.07 -3.12
C GLY A 9 -3.02 -3.22 -1.86
N LEU A 10 -2.90 -3.89 -0.71
CA LEU A 10 -2.79 -3.19 0.57
C LEU A 10 -1.53 -2.34 0.60
N GLY A 11 -0.44 -2.89 0.10
CA GLY A 11 0.82 -2.17 0.09
C GLY A 11 0.73 -0.89 -0.72
N VAL A 12 0.06 -0.97 -1.86
CA VAL A 12 -0.07 0.20 -2.71
C VAL A 12 -0.86 1.29 -1.98
N GLY A 13 -1.89 0.87 -1.26
CA GLY A 13 -2.70 1.82 -0.51
C GLY A 13 -1.88 2.51 0.58
N ALA A 14 -1.02 1.73 1.24
CA ALA A 14 -0.18 2.29 2.30
C ALA A 14 0.87 3.21 1.71
N LEU A 15 1.42 2.79 0.58
CA LEU A 15 2.46 3.56 -0.09
C LEU A 15 1.86 4.62 -1.00
N PHE A 16 1.10 4.15 -1.99
CA PHE A 16 0.47 5.05 -2.94
C PHE A 16 -0.71 5.78 -2.32
N ALA A 18 -0.79 6.60 0.69
CA ALA A 18 -0.21 7.47 1.71
C ALA A 18 -0.09 8.93 1.26
N LYS A 19 0.33 9.15 0.01
CA LYS A 19 0.46 10.52 -0.49
C LYS A 19 -0.71 10.83 -1.40
N PHE A 20 -1.14 9.80 -2.12
CA PHE A 20 -2.25 9.93 -3.03
C PHE A 20 -3.50 9.39 -2.36
N CYS A 21 -4.62 9.49 -3.05
CA CYS A 21 -5.89 9.02 -2.51
C CYS A 21 -6.13 9.61 -1.12
N PRO A 3 7.02 -8.76 4.45
CA PRO A 3 6.56 -8.77 3.03
C PRO A 3 5.09 -9.09 2.89
N ALA A 4 4.57 -9.90 3.82
CA ALA A 4 3.17 -10.28 3.78
C ALA A 4 2.29 -9.09 4.15
N CYS A 5 2.82 -8.19 4.96
CA CYS A 5 2.08 -7.01 5.37
C CYS A 5 1.91 -6.05 4.19
N PHE A 6 2.85 -6.10 3.25
CA PHE A 6 2.80 -5.22 2.09
C PHE A 6 1.49 -5.43 1.33
N ILE A 8 -0.52 -6.96 -1.97
CA ILE A 8 -0.56 -6.45 -3.34
C ILE A 8 -1.48 -5.25 -3.46
N GLY A 9 -2.65 -5.34 -2.85
CA GLY A 9 -3.62 -4.24 -2.91
C GLY A 9 -3.39 -3.24 -1.78
N LEU A 10 -3.27 -3.76 -0.56
CA LEU A 10 -3.05 -2.90 0.60
C LEU A 10 -1.70 -2.19 0.50
N GLY A 11 -0.71 -2.88 -0.06
CA GLY A 11 0.62 -2.31 -0.21
C GLY A 11 0.59 -1.01 -1.00
N VAL A 12 -0.11 -1.02 -2.12
CA VAL A 12 -0.21 0.18 -2.94
C VAL A 12 -0.93 1.28 -2.17
N GLY A 13 -1.97 0.90 -1.43
CA GLY A 13 -2.73 1.87 -0.65
C GLY A 13 -1.86 2.49 0.43
N ALA A 14 -1.02 1.68 1.07
CA ALA A 14 -0.15 2.18 2.12
C ALA A 14 0.93 3.08 1.54
N LEU A 15 1.42 2.70 0.37
CA LEU A 15 2.48 3.44 -0.30
C LEU A 15 1.89 4.52 -1.21
N PHE A 16 1.11 4.08 -2.18
CA PHE A 16 0.49 5.00 -3.12
C PHE A 16 -0.68 5.72 -2.47
N ALA A 18 -0.73 6.36 0.66
CA ALA A 18 -0.14 7.16 1.74
C ALA A 18 0.03 8.63 1.36
N LYS A 19 0.44 8.88 0.12
CA LYS A 19 0.63 10.27 -0.33
C LYS A 19 -0.51 10.69 -1.23
N PHE A 20 -1.00 9.73 -1.99
CA PHE A 20 -2.10 9.95 -2.90
C PHE A 20 -3.37 9.42 -2.29
N CYS A 21 -4.47 9.56 -3.01
CA CYS A 21 -5.76 9.07 -2.54
C CYS A 21 -6.06 9.62 -1.15
N PRO A 3 7.24 -6.86 3.69
CA PRO A 3 6.71 -7.02 2.31
C PRO A 3 5.39 -7.77 2.26
N ALA A 4 5.11 -8.55 3.31
CA ALA A 4 3.87 -9.32 3.37
C ALA A 4 2.74 -8.46 3.94
N CYS A 5 3.10 -7.49 4.78
CA CYS A 5 2.11 -6.60 5.37
C CYS A 5 1.69 -5.53 4.38
N PHE A 6 2.57 -5.22 3.44
CA PHE A 6 2.28 -4.20 2.45
C PHE A 6 1.01 -4.55 1.67
N ILE A 8 0.08 -6.84 -1.85
CA ILE A 8 0.22 -6.62 -3.29
C ILE A 8 -1.06 -6.04 -3.89
N GLY A 9 -2.19 -6.59 -3.49
CA GLY A 9 -3.47 -6.12 -4.00
C GLY A 9 -3.83 -4.75 -3.44
N LEU A 10 -4.74 -4.73 -2.48
CA LEU A 10 -5.15 -3.47 -1.86
C LEU A 10 -3.98 -2.85 -1.12
N GLY A 11 -3.11 -3.70 -0.60
CA GLY A 11 -1.95 -3.23 0.15
C GLY A 11 -1.38 -1.96 -0.46
N VAL A 12 -1.64 -1.72 -1.75
CA VAL A 12 -1.15 -0.53 -2.42
C VAL A 12 -1.75 0.71 -1.78
N GLY A 13 -3.01 0.62 -1.40
CA GLY A 13 -3.68 1.76 -0.79
C GLY A 13 -2.89 2.26 0.42
N ALA A 14 -2.57 1.37 1.35
CA ALA A 14 -1.79 1.77 2.53
C ALA A 14 -0.38 2.18 2.11
N LEU A 15 0.20 1.40 1.21
CA LEU A 15 1.56 1.67 0.72
C LEU A 15 1.61 2.99 -0.04
N PHE A 16 0.89 3.04 -1.14
CA PHE A 16 0.85 4.23 -1.98
C PHE A 16 0.00 5.31 -1.34
N ALA A 18 0.12 6.45 1.37
CA ALA A 18 1.00 7.31 2.16
C ALA A 18 1.58 8.47 1.35
N LYS A 19 1.94 8.19 0.10
CA LYS A 19 2.53 9.22 -0.75
C LYS A 19 1.47 9.74 -1.72
N PHE A 20 0.42 8.96 -1.85
CA PHE A 20 -0.68 9.30 -2.74
C PHE A 20 -1.98 9.25 -1.95
N CYS A 21 -3.07 9.59 -2.62
CA CYS A 21 -4.38 9.57 -1.99
C CYS A 21 -4.37 10.40 -0.70
N PRO A 3 6.73 -8.85 4.27
CA PRO A 3 6.39 -9.32 2.89
C PRO A 3 4.89 -9.61 2.73
N ALA A 4 4.28 -10.14 3.79
CA ALA A 4 2.86 -10.46 3.75
C ALA A 4 2.03 -9.23 4.09
N CYS A 5 2.61 -8.33 4.88
CA CYS A 5 1.92 -7.10 5.27
C CYS A 5 1.89 -6.12 4.11
N PHE A 6 2.90 -6.18 3.25
CA PHE A 6 2.98 -5.27 2.12
C PHE A 6 1.74 -5.40 1.24
N ILE A 8 -0.19 -6.58 -2.29
CA ILE A 8 -0.20 -5.89 -3.57
C ILE A 8 -1.15 -4.69 -3.52
N GLY A 9 -2.33 -4.88 -2.94
CA GLY A 9 -3.31 -3.81 -2.83
C GLY A 9 -3.15 -3.05 -1.52
N LEU A 10 -2.93 -3.77 -0.44
CA LEU A 10 -2.77 -3.16 0.87
C LEU A 10 -1.54 -2.26 0.89
N GLY A 11 -0.44 -2.76 0.34
CA GLY A 11 0.79 -1.99 0.29
C GLY A 11 0.62 -0.76 -0.58
N VAL A 12 -0.14 -0.93 -1.65
CA VAL A 12 -0.39 0.18 -2.57
C VAL A 12 -1.09 1.32 -1.84
N GLY A 13 -2.11 0.99 -1.07
CA GLY A 13 -2.83 2.00 -0.32
C GLY A 13 -1.94 2.63 0.75
N ALA A 14 -1.13 1.80 1.39
CA ALA A 14 -0.23 2.27 2.43
C ALA A 14 0.88 3.12 1.82
N LEU A 15 1.35 2.69 0.66
CA LEU A 15 2.43 3.39 -0.03
C LEU A 15 1.88 4.40 -1.03
N PHE A 16 1.18 3.88 -2.01
CA PHE A 16 0.61 4.72 -3.05
C PHE A 16 -0.61 5.46 -2.52
N ALA A 18 -0.79 6.31 0.57
CA ALA A 18 -0.29 7.18 1.63
C ALA A 18 -0.14 8.64 1.19
N LYS A 19 0.35 8.90 -0.02
CA LYS A 19 0.51 10.27 -0.49
C LYS A 19 -0.61 10.60 -1.44
N PHE A 20 -1.01 9.60 -2.21
CA PHE A 20 -2.07 9.75 -3.17
C PHE A 20 -3.34 9.18 -2.57
N CYS A 21 -4.44 9.32 -3.29
CA CYS A 21 -5.71 8.80 -2.80
C CYS A 21 -5.99 9.30 -1.38
N PRO A 3 7.00 -9.16 4.63
CA PRO A 3 6.80 -9.35 3.16
C PRO A 3 5.34 -9.57 2.79
N ALA A 4 4.56 -10.08 3.73
CA ALA A 4 3.14 -10.35 3.47
C ALA A 4 2.31 -9.10 3.78
N CYS A 5 2.80 -8.29 4.71
CA CYS A 5 2.10 -7.07 5.08
C CYS A 5 2.06 -6.08 3.92
N PHE A 6 3.04 -6.17 3.03
CA PHE A 6 3.10 -5.27 1.90
C PHE A 6 1.82 -5.36 1.07
N ILE A 8 -0.38 -6.53 -2.34
CA ILE A 8 -0.44 -5.84 -3.62
C ILE A 8 -1.37 -4.63 -3.54
N GLY A 9 -2.49 -4.79 -2.86
CA GLY A 9 -3.45 -3.70 -2.71
C GLY A 9 -3.24 -2.95 -1.41
N LEU A 10 -2.99 -3.69 -0.34
CA LEU A 10 -2.78 -3.10 0.98
C LEU A 10 -1.54 -2.21 0.96
N GLY A 11 -0.46 -2.70 0.37
CA GLY A 11 0.78 -1.93 0.28
C GLY A 11 0.58 -0.71 -0.58
N VAL A 12 -0.19 -0.86 -1.65
CA VAL A 12 -0.46 0.24 -2.56
C VAL A 12 -1.15 1.37 -1.82
N GLY A 13 -2.17 1.04 -1.02
CA GLY A 13 -2.88 2.04 -0.26
C GLY A 13 -1.99 2.68 0.79
N ALA A 14 -1.15 1.86 1.43
CA ALA A 14 -0.24 2.34 2.45
C ALA A 14 0.87 3.19 1.81
N LEU A 15 1.33 2.75 0.66
CA LEU A 15 2.39 3.45 -0.05
C LEU A 15 1.84 4.43 -1.05
N PHE A 16 1.12 3.89 -2.04
CA PHE A 16 0.53 4.72 -3.08
C PHE A 16 -0.66 5.47 -2.54
N ALA A 18 -0.82 6.37 0.53
CA ALA A 18 -0.28 7.24 1.57
C ALA A 18 -0.15 8.70 1.12
N LYS A 19 0.32 8.93 -0.11
CA LYS A 19 0.47 10.30 -0.60
C LYS A 19 -0.66 10.62 -1.56
N PHE A 20 -1.06 9.60 -2.31
CA PHE A 20 -2.14 9.73 -3.26
C PHE A 20 -3.41 9.17 -2.63
N CYS A 21 -4.50 9.28 -3.36
CA CYS A 21 -5.79 8.79 -2.86
C CYS A 21 -6.06 9.33 -1.46
N PRO A 3 7.25 -7.28 3.53
CA PRO A 3 6.65 -7.42 2.17
C PRO A 3 5.25 -8.06 2.23
N ALA A 4 5.07 -8.99 3.15
CA ALA A 4 3.79 -9.66 3.31
C ALA A 4 2.74 -8.71 3.89
N CYS A 5 3.21 -7.73 4.67
CA CYS A 5 2.32 -6.75 5.26
C CYS A 5 2.02 -5.62 4.29
N PHE A 6 2.84 -5.51 3.25
CA PHE A 6 2.67 -4.46 2.26
C PHE A 6 1.28 -4.54 1.64
N ILE A 8 -0.53 -6.95 -1.57
CA ILE A 8 -0.47 -7.01 -3.03
C ILE A 8 -1.55 -6.12 -3.65
N GLY A 9 -2.76 -6.20 -3.11
CA GLY A 9 -3.88 -5.42 -3.63
C GLY A 9 -3.99 -4.08 -2.90
N LEU A 10 -4.74 -4.08 -1.80
CA LEU A 10 -4.92 -2.88 -1.02
C LEU A 10 -3.58 -2.33 -0.54
N GLY A 11 -2.65 -3.24 -0.27
CA GLY A 11 -1.34 -2.85 0.21
C GLY A 11 -0.86 -1.57 -0.47
N VAL A 12 -1.27 -1.39 -1.72
CA VAL A 12 -0.88 -0.20 -2.49
C VAL A 12 -1.40 1.05 -1.80
N GLY A 13 -2.63 0.98 -1.28
CA GLY A 13 -3.22 2.13 -0.59
C GLY A 13 -2.35 2.56 0.58
N ALA A 14 -1.97 1.60 1.42
CA ALA A 14 -1.11 1.90 2.56
C ALA A 14 0.30 2.27 2.10
N LEU A 15 0.76 1.60 1.04
CA LEU A 15 2.09 1.85 0.52
C LEU A 15 2.14 3.19 -0.22
N PHE A 16 1.43 3.25 -1.35
CA PHE A 16 1.41 4.47 -2.15
C PHE A 16 0.20 5.33 -1.80
N ALA A 18 -0.89 5.81 1.01
CA ALA A 18 -0.61 6.48 2.28
C ALA A 18 -0.11 7.90 2.05
N LYS A 19 0.77 8.06 1.06
CA LYS A 19 1.31 9.37 0.74
C LYS A 19 0.60 9.97 -0.47
N PHE A 20 0.17 9.09 -1.37
CA PHE A 20 -0.54 9.51 -2.58
C PHE A 20 -2.02 9.19 -2.44
N CYS A 21 -2.78 9.49 -3.49
CA CYS A 21 -4.21 9.22 -3.50
C CYS A 21 -4.88 9.82 -2.27
N PRO A 3 6.91 -9.09 4.57
CA PRO A 3 6.68 -9.43 3.14
C PRO A 3 5.20 -9.58 2.81
N ALA A 4 4.44 -10.12 3.76
CA ALA A 4 3.00 -10.32 3.54
C ALA A 4 2.23 -9.04 3.87
N CYS A 5 2.80 -8.23 4.76
CA CYS A 5 2.17 -6.98 5.16
C CYS A 5 2.11 -6.01 3.98
N PHE A 6 3.11 -6.10 3.10
CA PHE A 6 3.17 -5.20 1.96
C PHE A 6 1.90 -5.32 1.12
N ILE A 8 -0.20 -6.57 -2.31
CA ILE A 8 -0.26 -5.90 -3.61
C ILE A 8 -1.22 -4.71 -3.55
N GLY A 9 -2.36 -4.90 -2.91
CA GLY A 9 -3.34 -3.84 -2.79
C GLY A 9 -3.19 -3.08 -1.48
N LEU A 10 -2.93 -3.81 -0.40
CA LEU A 10 -2.77 -3.20 0.90
C LEU A 10 -1.56 -2.27 0.92
N GLY A 11 -0.45 -2.73 0.33
CA GLY A 11 0.76 -1.94 0.28
C GLY A 11 0.55 -0.71 -0.60
N VAL A 12 -0.20 -0.89 -1.67
CA VAL A 12 -0.47 0.21 -2.58
C VAL A 12 -1.21 1.33 -1.85
N GLY A 13 -2.23 0.96 -1.08
CA GLY A 13 -2.98 1.95 -0.31
C GLY A 13 -2.10 2.58 0.76
N ALA A 14 -1.25 1.77 1.37
CA ALA A 14 -0.36 2.26 2.41
C ALA A 14 0.72 3.16 1.81
N LEU A 15 1.20 2.76 0.64
CA LEU A 15 2.26 3.50 -0.04
C LEU A 15 1.68 4.50 -1.02
N PHE A 16 0.96 3.97 -2.01
CA PHE A 16 0.37 4.81 -3.03
C PHE A 16 -0.82 5.56 -2.48
N ALA A 18 -0.97 6.38 0.62
CA ALA A 18 -0.38 7.28 1.63
C ALA A 18 -0.03 8.65 1.06
N LYS A 19 0.46 8.69 -0.18
CA LYS A 19 0.83 9.96 -0.81
C LYS A 19 -0.30 10.41 -1.72
N PHE A 20 -0.92 9.42 -2.32
CA PHE A 20 -2.02 9.65 -3.23
C PHE A 20 -3.31 9.23 -2.55
N CYS A 21 -4.42 9.45 -3.21
CA CYS A 21 -5.71 9.09 -2.67
C CYS A 21 -5.87 9.65 -1.25
N PRO A 3 6.93 -9.20 4.52
CA PRO A 3 6.68 -9.40 3.07
C PRO A 3 5.20 -9.59 2.76
N ALA A 4 4.45 -10.09 3.73
CA ALA A 4 3.03 -10.30 3.55
C ALA A 4 2.24 -9.05 3.91
N CYS A 5 2.79 -8.23 4.80
CA CYS A 5 2.13 -7.00 5.21
C CYS A 5 2.06 -6.02 4.05
N PHE A 6 3.05 -6.09 3.16
CA PHE A 6 3.08 -5.19 2.01
C PHE A 6 1.81 -5.33 1.17
N ILE A 8 -0.27 -6.54 -2.25
CA ILE A 8 -0.34 -5.84 -3.53
C ILE A 8 -1.34 -4.69 -3.47
N GLY A 9 -2.48 -4.92 -2.83
CA GLY A 9 -3.50 -3.88 -2.71
C GLY A 9 -3.29 -3.05 -1.46
N LEU A 10 -3.05 -3.72 -0.34
CA LEU A 10 -2.84 -3.03 0.93
C LEU A 10 -1.57 -2.18 0.87
N GLY A 11 -0.52 -2.72 0.27
CA GLY A 11 0.74 -1.99 0.15
C GLY A 11 0.58 -0.76 -0.71
N VAL A 12 -0.16 -0.89 -1.81
CA VAL A 12 -0.38 0.23 -2.70
C VAL A 12 -1.09 1.36 -1.96
N GLY A 13 -2.14 1.00 -1.22
CA GLY A 13 -2.88 1.99 -0.46
C GLY A 13 -2.01 2.61 0.64
N ALA A 14 -1.19 1.78 1.27
CA ALA A 14 -0.31 2.25 2.33
C ALA A 14 0.79 3.13 1.76
N LEU A 15 1.30 2.73 0.60
CA LEU A 15 2.37 3.45 -0.06
C LEU A 15 1.81 4.48 -1.03
N PHE A 16 1.11 3.99 -2.03
CA PHE A 16 0.53 4.86 -3.04
C PHE A 16 -0.68 5.58 -2.47
N ALA A 18 -0.85 6.33 0.58
CA ALA A 18 -0.29 7.19 1.63
C ALA A 18 -0.11 8.63 1.18
N LYS A 19 0.35 8.84 -0.05
CA LYS A 19 0.56 10.20 -0.55
C LYS A 19 -0.57 10.59 -1.50
N PHE A 20 -1.05 9.59 -2.22
CA PHE A 20 -2.12 9.77 -3.17
C PHE A 20 -3.41 9.24 -2.56
N CYS A 21 -4.49 9.37 -3.30
CA CYS A 21 -5.79 8.89 -2.85
C CYS A 21 -6.14 9.48 -1.49
N PRO A 3 5.80 -11.23 6.10
CA PRO A 3 6.76 -11.28 4.96
C PRO A 3 6.23 -10.53 3.73
N ALA A 4 4.91 -10.42 3.63
CA ALA A 4 4.29 -9.74 2.49
C ALA A 4 3.71 -8.40 2.92
N CYS A 5 4.17 -7.88 4.04
CA CYS A 5 3.67 -6.61 4.55
C CYS A 5 3.36 -5.67 3.39
N PHE A 6 4.13 -5.77 2.31
CA PHE A 6 3.91 -4.91 1.16
C PHE A 6 2.50 -5.11 0.60
N ILE A 8 -0.04 -6.51 -2.38
CA ILE A 8 -0.40 -5.81 -3.61
C ILE A 8 -1.49 -4.79 -3.34
N GLY A 9 -2.51 -5.18 -2.57
CA GLY A 9 -3.60 -4.28 -2.25
C GLY A 9 -3.22 -3.35 -1.10
N LEU A 10 -2.71 -3.94 -0.02
CA LEU A 10 -2.31 -3.17 1.15
C LEU A 10 -1.15 -2.24 0.82
N GLY A 11 -0.19 -2.74 0.05
CA GLY A 11 0.97 -1.93 -0.34
C GLY A 11 0.54 -0.75 -1.17
N VAL A 12 -0.48 -0.95 -1.99
CA VAL A 12 -0.99 0.11 -2.84
C VAL A 12 -1.49 1.26 -1.98
N GLY A 13 -2.27 0.93 -0.94
CA GLY A 13 -2.78 1.95 -0.04
C GLY A 13 -1.64 2.62 0.72
N ALA A 14 -0.65 1.83 1.11
CA ALA A 14 0.49 2.35 1.84
C ALA A 14 1.36 3.22 0.94
N LEU A 15 1.50 2.78 -0.31
CA LEU A 15 2.30 3.50 -1.28
C LEU A 15 1.47 4.53 -2.03
N PHE A 16 0.45 4.05 -2.72
CA PHE A 16 -0.41 4.92 -3.50
C PHE A 16 -1.35 5.70 -2.60
N ALA A 18 -0.53 6.54 0.41
CA ALA A 18 0.32 7.38 1.25
C ALA A 18 0.37 8.84 0.78
N LYS A 19 0.48 9.07 -0.52
CA LYS A 19 0.54 10.44 -1.03
C LYS A 19 -0.81 10.82 -1.60
N PHE A 20 -1.46 9.84 -2.20
CA PHE A 20 -2.77 10.03 -2.78
C PHE A 20 -3.81 9.51 -1.80
N CYS A 21 -5.07 9.69 -2.13
CA CYS A 21 -6.14 9.23 -1.27
C CYS A 21 -5.94 9.73 0.17
N PRO A 3 7.12 -7.37 3.26
CA PRO A 3 6.41 -7.35 1.95
C PRO A 3 4.96 -7.83 2.06
N ALA A 4 4.73 -8.82 2.92
CA ALA A 4 3.39 -9.35 3.11
C ALA A 4 2.52 -8.34 3.85
N CYS A 5 3.15 -7.51 4.68
CA CYS A 5 2.44 -6.50 5.45
C CYS A 5 2.01 -5.35 4.55
N PHE A 6 2.86 -5.02 3.58
CA PHE A 6 2.56 -3.92 2.67
C PHE A 6 1.24 -4.18 1.94
N ILE A 8 0.12 -6.39 -1.66
CA ILE A 8 0.25 -6.16 -3.09
C ILE A 8 -0.97 -5.44 -3.66
N GLY A 9 -2.16 -5.86 -3.25
CA GLY A 9 -3.39 -5.25 -3.74
C GLY A 9 -3.71 -3.96 -2.98
N LEU A 10 -4.61 -4.06 -2.01
CA LEU A 10 -4.99 -2.91 -1.22
C LEU A 10 -3.79 -2.32 -0.48
N GLY A 11 -2.80 -3.16 -0.22
CA GLY A 11 -1.62 -2.73 0.50
C GLY A 11 -1.08 -1.42 -0.07
N VAL A 12 -1.37 -1.16 -1.34
CA VAL A 12 -0.90 0.06 -1.98
C VAL A 12 -1.47 1.28 -1.25
N GLY A 13 -2.73 1.17 -0.82
CA GLY A 13 -3.37 2.27 -0.12
C GLY A 13 -2.66 2.57 1.20
N ALA A 14 -2.27 1.52 1.92
CA ALA A 14 -1.57 1.70 3.18
C ALA A 14 -0.17 2.27 2.93
N LEU A 15 0.46 1.79 1.86
CA LEU A 15 1.79 2.24 1.51
C LEU A 15 1.73 3.45 0.58
N PHE A 16 1.29 3.21 -0.65
CA PHE A 16 1.20 4.28 -1.64
C PHE A 16 0.02 5.20 -1.37
N ALA A 18 -0.71 6.39 1.23
CA ALA A 18 -0.29 7.38 2.22
C ALA A 18 0.08 8.70 1.54
N LYS A 19 0.83 8.64 0.44
CA LYS A 19 1.20 9.86 -0.26
C LYS A 19 0.45 10.01 -1.58
N PHE A 20 0.30 8.91 -2.30
CA PHE A 20 -0.39 8.95 -3.59
C PHE A 20 -1.47 7.86 -3.67
N CYS A 21 -2.71 8.26 -3.89
CA CYS A 21 -3.79 7.28 -4.00
C CYS A 21 -4.53 7.44 -5.33
N PRO A 3 5.81 -11.18 6.07
CA PRO A 3 6.68 -11.31 4.85
C PRO A 3 6.08 -10.59 3.65
N ALA A 4 4.76 -10.41 3.65
CA ALA A 4 4.08 -9.75 2.56
C ALA A 4 3.60 -8.36 2.97
N CYS A 5 4.18 -7.83 4.04
CA CYS A 5 3.79 -6.52 4.52
C CYS A 5 3.40 -5.61 3.37
N PHE A 6 4.10 -5.74 2.24
CA PHE A 6 3.79 -4.92 1.08
C PHE A 6 2.36 -5.18 0.62
N ILE A 8 -0.22 -6.85 -2.17
CA ILE A 8 -0.58 -6.32 -3.48
C ILE A 8 -1.63 -5.24 -3.38
N GLY A 9 -2.65 -5.47 -2.56
CA GLY A 9 -3.74 -4.50 -2.39
C GLY A 9 -3.38 -3.43 -1.37
N LEU A 10 -3.04 -3.86 -0.16
CA LEU A 10 -2.70 -2.93 0.91
C LEU A 10 -1.44 -2.15 0.57
N GLY A 11 -0.53 -2.79 -0.14
CA GLY A 11 0.73 -2.14 -0.51
C GLY A 11 0.49 -0.86 -1.30
N VAL A 12 -0.44 -0.90 -2.24
CA VAL A 12 -0.73 0.28 -3.04
C VAL A 12 -1.28 1.38 -2.15
N GLY A 13 -2.13 1.01 -1.21
CA GLY A 13 -2.71 1.99 -0.28
C GLY A 13 -1.62 2.60 0.59
N ALA A 14 -0.65 1.79 0.99
CA ALA A 14 0.44 2.27 1.82
C ALA A 14 1.34 3.20 1.02
N LEU A 15 1.56 2.85 -0.24
CA LEU A 15 2.42 3.62 -1.12
C LEU A 15 1.63 4.66 -1.89
N PHE A 16 0.68 4.19 -2.69
CA PHE A 16 -0.15 5.07 -3.49
C PHE A 16 -1.16 5.79 -2.61
N ALA A 18 -0.52 6.46 0.47
CA ALA A 18 0.26 7.27 1.42
C ALA A 18 0.30 8.76 1.06
N LYS A 19 0.45 9.09 -0.22
CA LYS A 19 0.48 10.50 -0.62
C LYS A 19 -0.84 10.87 -1.24
N PHE A 20 -1.41 9.92 -1.95
CA PHE A 20 -2.69 10.12 -2.59
C PHE A 20 -3.77 9.51 -1.71
N CYS A 21 -5.01 9.66 -2.12
CA CYS A 21 -6.14 9.13 -1.37
C CYS A 21 -6.09 9.58 0.09
N PRO A 3 7.24 -7.57 3.37
CA PRO A 3 6.62 -7.79 2.03
C PRO A 3 5.13 -8.14 2.13
N ALA A 4 4.74 -8.71 3.27
CA ALA A 4 3.34 -9.07 3.47
C ALA A 4 2.56 -7.90 4.06
N CYS A 5 3.25 -7.03 4.79
CA CYS A 5 2.61 -5.87 5.39
C CYS A 5 2.18 -4.88 4.31
N PHE A 6 3.00 -4.76 3.27
CA PHE A 6 2.68 -3.84 2.18
C PHE A 6 1.31 -4.18 1.59
N ILE A 8 -0.10 -6.72 -1.57
CA ILE A 8 -0.04 -6.65 -3.03
C ILE A 8 -1.29 -5.97 -3.61
N GLY A 9 -2.45 -6.35 -3.09
CA GLY A 9 -3.71 -5.77 -3.57
C GLY A 9 -3.97 -4.39 -2.96
N LEU A 10 -4.83 -4.36 -1.95
CA LEU A 10 -5.16 -3.11 -1.29
C LEU A 10 -3.92 -2.49 -0.66
N GLY A 11 -2.95 -3.32 -0.32
CA GLY A 11 -1.72 -2.86 0.30
C GLY A 11 -1.19 -1.63 -0.42
N VAL A 12 -1.56 -1.46 -1.68
CA VAL A 12 -1.11 -0.31 -2.45
C VAL A 12 -1.64 0.98 -1.83
N GLY A 13 -2.88 0.94 -1.35
CA GLY A 13 -3.49 2.11 -0.73
C GLY A 13 -2.72 2.51 0.52
N ALA A 14 -2.47 1.55 1.39
CA ALA A 14 -1.73 1.83 2.61
C ALA A 14 -0.28 2.15 2.29
N LEU A 15 0.28 1.38 1.36
CA LEU A 15 1.67 1.57 0.97
C LEU A 15 1.86 2.83 0.13
N PHE A 16 1.19 2.87 -1.03
CA PHE A 16 1.30 4.01 -1.92
C PHE A 16 0.17 5.00 -1.71
N ALA A 18 -1.05 5.72 1.04
CA ALA A 18 -0.77 6.42 2.31
C ALA A 18 -0.12 7.78 2.10
N LYS A 19 0.82 7.87 1.17
CA LYS A 19 1.50 9.14 0.92
C LYS A 19 0.93 9.77 -0.34
N PHE A 20 0.56 8.91 -1.27
CA PHE A 20 -0.01 9.32 -2.53
C PHE A 20 -1.52 9.12 -2.48
N CYS A 21 -2.19 9.52 -3.54
CA CYS A 21 -3.64 9.38 -3.62
C CYS A 21 -4.32 10.01 -2.41
N PRO A 3 6.55 -8.82 3.80
CA PRO A 3 6.03 -9.29 2.48
C PRO A 3 4.53 -9.54 2.51
N ALA A 4 4.04 -10.05 3.63
CA ALA A 4 2.61 -10.32 3.77
C ALA A 4 1.87 -9.08 4.25
N CYS A 5 2.56 -8.23 5.00
CA CYS A 5 1.95 -7.00 5.49
C CYS A 5 1.79 -5.99 4.35
N PHE A 6 2.78 -5.94 3.46
CA PHE A 6 2.73 -5.01 2.34
C PHE A 6 1.50 -5.29 1.47
N ILE A 8 -0.11 -6.77 -2.06
CA ILE A 8 -0.10 -6.15 -3.38
C ILE A 8 -1.14 -5.04 -3.47
N GLY A 9 -2.34 -5.30 -2.96
CA GLY A 9 -3.42 -4.31 -3.00
C GLY A 9 -3.27 -3.29 -1.87
N LEU A 10 -3.23 -3.77 -0.64
CA LEU A 10 -3.10 -2.90 0.52
C LEU A 10 -1.75 -2.17 0.50
N GLY A 11 -0.73 -2.84 -0.04
CA GLY A 11 0.59 -2.26 -0.10
C GLY A 11 0.58 -0.94 -0.86
N VAL A 12 -0.08 -0.93 -2.01
CA VAL A 12 -0.16 0.28 -2.81
C VAL A 12 -0.92 1.36 -2.05
N GLY A 13 -2.02 0.97 -1.42
CA GLY A 13 -2.83 1.91 -0.65
C GLY A 13 -2.04 2.46 0.54
N ALA A 14 -1.28 1.60 1.18
CA ALA A 14 -0.48 2.01 2.33
C ALA A 14 0.67 2.91 1.90
N LEU A 15 1.23 2.60 0.74
CA LEU A 15 2.35 3.36 0.21
C LEU A 15 1.88 4.42 -0.77
N PHE A 16 1.26 3.97 -1.85
CA PHE A 16 0.74 4.88 -2.86
C PHE A 16 -0.51 5.58 -2.35
N ALA A 18 -1.00 6.15 0.80
CA ALA A 18 -0.55 6.97 1.92
C ALA A 18 -0.16 8.39 1.49
N LYS A 19 0.46 8.51 0.32
CA LYS A 19 0.90 9.82 -0.16
C LYS A 19 -0.07 10.33 -1.23
N PHE A 20 -0.84 9.41 -1.75
CA PHE A 20 -1.81 9.70 -2.78
C PHE A 20 -3.17 9.17 -2.37
N CYS A 21 -4.16 9.40 -3.21
CA CYS A 21 -5.52 8.92 -2.93
C CYS A 21 -6.00 9.40 -1.57
N PRO A 3 6.99 -7.04 3.52
CA PRO A 3 6.33 -7.19 2.20
C PRO A 3 4.94 -7.81 2.31
N ALA A 4 4.78 -8.71 3.26
CA ALA A 4 3.49 -9.37 3.46
C ALA A 4 2.46 -8.40 4.01
N CYS A 5 2.92 -7.39 4.73
CA CYS A 5 2.03 -6.39 5.29
C CYS A 5 1.68 -5.34 4.25
N PHE A 6 2.53 -5.19 3.25
CA PHE A 6 2.29 -4.21 2.20
C PHE A 6 0.96 -4.48 1.51
N ILE A 8 -0.30 -6.87 -1.85
CA ILE A 8 -0.20 -6.74 -3.30
C ILE A 8 -1.43 -6.06 -3.88
N GLY A 9 -2.60 -6.47 -3.42
CA GLY A 9 -3.85 -5.88 -3.90
C GLY A 9 -4.05 -4.49 -3.33
N LEU A 10 -4.99 -4.39 -2.39
CA LEU A 10 -5.28 -3.10 -1.76
C LEU A 10 -4.05 -2.56 -1.06
N GLY A 11 -3.20 -3.47 -0.59
CA GLY A 11 -1.98 -3.08 0.10
C GLY A 11 -1.35 -1.86 -0.53
N VAL A 12 -1.70 -1.59 -1.78
CA VAL A 12 -1.17 -0.45 -2.50
C VAL A 12 -1.53 0.85 -1.76
N GLY A 13 -2.73 0.89 -1.22
CA GLY A 13 -3.18 2.08 -0.49
C GLY A 13 -2.22 2.40 0.65
N ALA A 14 -1.83 1.38 1.40
CA ALA A 14 -0.91 1.57 2.51
C ALA A 14 0.49 1.91 1.97
N LEU A 15 0.84 1.30 0.86
CA LEU A 15 2.16 1.52 0.26
C LEU A 15 2.22 2.89 -0.42
N PHE A 16 1.44 3.06 -1.49
CA PHE A 16 1.41 4.31 -2.22
C PHE A 16 0.26 5.20 -1.75
N ALA A 18 -0.65 5.57 1.17
CA ALA A 18 -0.24 6.18 2.44
C ALA A 18 0.36 7.56 2.21
N LYS A 19 1.17 7.70 1.18
CA LYS A 19 1.81 8.98 0.89
C LYS A 19 1.08 9.68 -0.24
N PHE A 20 0.39 8.90 -1.06
CA PHE A 20 -0.36 9.42 -2.19
C PHE A 20 -1.84 9.14 -1.98
N CYS A 21 -2.63 9.54 -2.96
CA CYS A 21 -4.08 9.34 -2.91
C CYS A 21 -4.66 9.89 -1.60
N PRO A 3 5.63 -11.02 4.82
CA PRO A 3 6.20 -11.11 3.43
C PRO A 3 5.55 -10.10 2.48
N ALA A 4 4.29 -9.77 2.75
CA ALA A 4 3.57 -8.82 1.91
C ALA A 4 3.41 -7.49 2.62
N CYS A 5 4.22 -7.26 3.64
CA CYS A 5 4.14 -6.02 4.40
C CYS A 5 3.62 -4.90 3.51
N PHE A 6 4.24 -4.73 2.35
CA PHE A 6 3.82 -3.67 1.44
C PHE A 6 2.36 -3.88 1.04
N ILE A 8 0.45 -6.04 -2.10
CA ILE A 8 0.28 -5.84 -3.54
C ILE A 8 -1.08 -5.19 -3.84
N GLY A 9 -2.12 -5.68 -3.18
CA GLY A 9 -3.45 -5.16 -3.39
C GLY A 9 -3.66 -3.87 -2.60
N LEU A 10 -4.22 -4.01 -1.39
CA LEU A 10 -4.46 -2.86 -0.54
C LEU A 10 -3.15 -2.18 -0.19
N GLY A 11 -2.13 -2.99 0.09
CA GLY A 11 -0.84 -2.47 0.46
C GLY A 11 -0.56 -1.13 -0.22
N VAL A 12 -1.16 -0.93 -1.39
CA VAL A 12 -0.96 0.32 -2.12
C VAL A 12 -1.40 1.50 -1.26
N GLY A 13 -2.55 1.37 -0.62
CA GLY A 13 -3.04 2.44 0.25
C GLY A 13 -2.12 2.63 1.44
N ALA A 14 -1.49 1.55 1.88
CA ALA A 14 -0.59 1.62 3.02
C ALA A 14 0.61 2.51 2.73
N LEU A 15 1.21 2.32 1.56
CA LEU A 15 2.37 3.11 1.18
C LEU A 15 1.96 4.17 0.15
N PHE A 16 1.22 3.74 -0.85
CA PHE A 16 0.77 4.65 -1.89
C PHE A 16 -0.40 5.49 -1.42
N ALA A 18 -0.62 6.86 1.16
CA ALA A 18 -0.09 7.97 1.93
C ALA A 18 -0.07 9.26 1.11
N LYS A 19 0.42 9.18 -0.13
CA LYS A 19 0.47 10.37 -0.97
C LYS A 19 -0.60 10.34 -2.07
N PHE A 20 -0.79 9.17 -2.67
CA PHE A 20 -1.77 9.02 -3.74
C PHE A 20 -2.69 7.84 -3.46
N CYS A 21 -3.99 8.09 -3.42
CA CYS A 21 -4.96 7.02 -3.17
C CYS A 21 -6.00 6.97 -4.29
N PRO A 3 7.00 -7.51 3.29
CA PRO A 3 6.13 -7.39 2.09
C PRO A 3 4.71 -7.90 2.34
N ALA A 4 4.57 -8.79 3.32
CA ALA A 4 3.26 -9.35 3.63
C ALA A 4 2.35 -8.32 4.28
N CYS A 5 2.94 -7.41 5.03
CA CYS A 5 2.18 -6.36 5.70
C CYS A 5 1.82 -5.27 4.71
N PHE A 6 2.71 -5.02 3.75
CA PHE A 6 2.47 -3.98 2.76
C PHE A 6 1.18 -4.27 2.00
N ILE A 8 0.21 -6.64 -1.48
CA ILE A 8 0.39 -6.48 -2.92
C ILE A 8 -0.84 -5.85 -3.57
N GLY A 9 -2.01 -6.33 -3.16
CA GLY A 9 -3.27 -5.81 -3.71
C GLY A 9 -3.60 -4.45 -3.12
N LEU A 10 -4.53 -4.43 -2.17
CA LEU A 10 -4.93 -3.19 -1.53
C LEU A 10 -3.75 -2.55 -0.82
N GLY A 11 -2.86 -3.37 -0.30
CA GLY A 11 -1.69 -2.87 0.42
C GLY A 11 -1.15 -1.61 -0.23
N VAL A 12 -1.46 -1.42 -1.51
CA VAL A 12 -1.01 -0.24 -2.23
C VAL A 12 -1.56 1.02 -1.58
N GLY A 13 -2.83 0.98 -1.15
CA GLY A 13 -3.45 2.13 -0.52
C GLY A 13 -2.64 2.57 0.72
N ALA A 14 -2.24 1.60 1.52
CA ALA A 14 -1.45 1.89 2.72
C ALA A 14 -0.05 2.34 2.33
N LEU A 15 0.48 1.74 1.27
CA LEU A 15 1.82 2.08 0.81
C LEU A 15 1.78 3.29 -0.12
N PHE A 16 1.21 3.10 -1.30
CA PHE A 16 1.12 4.18 -2.28
C PHE A 16 0.01 5.16 -1.90
N ALA A 18 -0.72 5.92 1.04
CA ALA A 18 -0.27 6.65 2.22
C ALA A 18 0.28 8.03 1.86
N LYS A 19 1.06 8.09 0.78
CA LYS A 19 1.63 9.34 0.34
C LYS A 19 0.84 9.91 -0.84
N PHE A 20 0.32 9.02 -1.66
CA PHE A 20 -0.47 9.40 -2.83
C PHE A 20 -1.95 9.18 -2.54
N CYS A 21 -2.77 9.45 -3.54
CA CYS A 21 -4.23 9.28 -3.40
C CYS A 21 -4.74 10.01 -2.17
N PRO A 3 6.98 -7.23 2.96
CA PRO A 3 6.15 -7.52 1.76
C PRO A 3 4.74 -7.98 2.13
N ALA A 4 4.64 -8.77 3.20
CA ALA A 4 3.34 -9.26 3.65
C ALA A 4 2.50 -8.13 4.22
N CYS A 5 3.17 -7.13 4.79
CA CYS A 5 2.47 -5.99 5.36
C CYS A 5 2.08 -5.00 4.27
N PHE A 6 2.91 -4.90 3.23
CA PHE A 6 2.61 -3.98 2.14
C PHE A 6 1.25 -4.31 1.52
N ILE A 8 -0.17 -6.79 -1.67
CA ILE A 8 -0.10 -6.69 -3.13
C ILE A 8 -1.35 -5.99 -3.69
N GLY A 9 -2.53 -6.36 -3.19
CA GLY A 9 -3.78 -5.76 -3.67
C GLY A 9 -4.02 -4.40 -3.05
N LEU A 10 -4.88 -4.37 -2.02
CA LEU A 10 -5.20 -3.12 -1.34
C LEU A 10 -3.95 -2.50 -0.72
N GLY A 11 -2.99 -3.35 -0.41
CA GLY A 11 -1.75 -2.90 0.20
C GLY A 11 -1.21 -1.67 -0.52
N VAL A 12 -1.58 -1.50 -1.78
CA VAL A 12 -1.12 -0.36 -2.55
C VAL A 12 -1.63 0.93 -1.91
N GLY A 13 -2.87 0.91 -1.46
CA GLY A 13 -3.48 2.08 -0.83
C GLY A 13 -2.77 2.43 0.47
N ALA A 14 -2.57 1.44 1.32
CA ALA A 14 -1.90 1.67 2.59
C ALA A 14 -0.42 1.98 2.36
N LEU A 15 0.17 1.23 1.44
CA LEU A 15 1.58 1.40 1.11
C LEU A 15 1.84 2.72 0.40
N PHE A 16 1.33 2.83 -0.82
CA PHE A 16 1.53 4.05 -1.61
C PHE A 16 0.34 4.99 -1.47
N ALA A 18 -1.22 5.59 1.15
CA ALA A 18 -1.06 6.30 2.42
C ALA A 18 -0.20 7.56 2.26
N LYS A 19 0.83 7.50 1.43
CA LYS A 19 1.72 8.64 1.22
C LYS A 19 1.38 9.33 -0.08
N PHE A 20 0.63 8.61 -0.91
CA PHE A 20 0.21 9.10 -2.20
C PHE A 20 -1.30 8.95 -2.31
N CYS A 21 -1.84 9.41 -3.42
CA CYS A 21 -3.28 9.32 -3.64
C CYS A 21 -4.05 9.91 -2.47
#